data_6OBF
#
_entry.id   6OBF
#
_cell.length_a   44.246
_cell.length_b   57.395
_cell.length_c   60.617
_cell.angle_alpha   90.00
_cell.angle_beta   111.20
_cell.angle_gamma   90.00
#
_symmetry.space_group_name_H-M   'P 1 21 1'
#
loop_
_entity.id
_entity.type
_entity.pdbx_description
1 polymer 'Tyrosine-protein kinase JAK2'
2 non-polymer GLYCEROL
3 non-polymer '[4-({5-amino-3-[(4-sulfamoylphenyl)amino]-1H-1,2,4-triazole-1-carbonyl}amino)phenoxy]acetic acid'
4 water water
#
_entity_poly.entity_id   1
_entity_poly.type   'polypeptide(L)'
_entity_poly.pdbx_seq_one_letter_code
;VFHKIRNEDLIFNESLGQGTFTKIFKGVRREVGDYGQLHETEVLLKVLDKAHRNYSESFFEAASMMSKLSHKHLVLNYGV
CVCGDENILVQEFVKFGSLDTYLKKNKNCINILWKLEVAKQLAAAMHFLEENTLIHGNVCAKNILLIREEDRKTGNPPFI
KLSDPGISITVLPKDILQERIPWVPPECIENPKNLNLATDKWSFGTTLWEICSGGDKPLSALDSQRKLQFYEDRHQLPAP
KAAELANLINNCMDYEPDHRPSFRAIIRDLNSLFTPDLVPRGSHHHHHH
;
_entity_poly.pdbx_strand_id   A
#
loop_
_chem_comp.id
_chem_comp.type
_chem_comp.name
_chem_comp.formula
GOL non-polymer GLYCEROL 'C3 H8 O3'
M4G non-polymer '[4-({5-amino-3-[(4-sulfamoylphenyl)amino]-1H-1,2,4-triazole-1-carbonyl}amino)phenoxy]acetic acid' 'C17 H17 N7 O6 S'
#
# COMPACT_ATOMS: atom_id res chain seq x y z
N PHE A 2 7.87 -1.16 19.19
CA PHE A 2 7.31 -2.44 18.80
C PHE A 2 7.55 -3.52 19.86
N HIS A 3 6.51 -4.31 20.14
CA HIS A 3 6.67 -5.48 21.00
C HIS A 3 7.63 -6.48 20.35
N LYS A 4 8.51 -7.05 21.17
CA LYS A 4 9.52 -7.98 20.68
C LYS A 4 8.99 -9.41 20.78
N ILE A 5 8.99 -10.11 19.66
CA ILE A 5 8.44 -11.46 19.58
C ILE A 5 9.61 -12.43 19.39
N ARG A 6 9.61 -13.50 20.20
CA ARG A 6 10.70 -14.47 20.16
C ARG A 6 10.62 -15.32 18.91
N ASN A 7 11.79 -15.57 18.31
CA ASN A 7 11.87 -16.49 17.17
C ASN A 7 11.25 -17.84 17.50
N GLU A 8 11.43 -18.31 18.73
CA GLU A 8 10.89 -19.60 19.14
C GLU A 8 9.37 -19.64 19.07
N ASP A 9 8.73 -18.48 19.09
CA ASP A 9 7.28 -18.42 19.05
C ASP A 9 6.74 -18.18 17.64
N LEU A 10 7.60 -18.16 16.63
CA LEU A 10 7.20 -17.99 15.25
C LEU A 10 7.50 -19.23 14.46
N ILE A 11 6.54 -19.69 13.66
CA ILE A 11 6.75 -20.75 12.68
C ILE A 11 6.59 -20.16 11.30
N PHE A 12 7.59 -20.35 10.45
CA PHE A 12 7.54 -19.85 9.07
C PHE A 12 6.93 -20.91 8.17
N ASN A 13 5.87 -20.53 7.45
CA ASN A 13 5.31 -21.41 6.45
C ASN A 13 5.52 -20.82 5.05
N GLU A 14 4.52 -20.90 4.19
CA GLU A 14 4.78 -20.73 2.76
C GLU A 14 5.18 -19.31 2.41
N SER A 15 6.05 -19.21 1.40
CA SER A 15 6.37 -17.93 0.81
C SER A 15 5.15 -17.35 0.11
N LEU A 16 4.96 -16.04 0.29
CA LEU A 16 3.90 -15.31 -0.38
C LEU A 16 4.47 -14.26 -1.33
N GLY A 17 5.75 -14.36 -1.67
CA GLY A 17 6.35 -13.49 -2.65
C GLY A 17 7.37 -12.58 -2.03
N GLN A 18 7.57 -11.41 -2.65
CA GLN A 18 8.59 -10.48 -2.24
C GLN A 18 8.01 -9.08 -2.25
N GLY A 19 8.53 -8.23 -1.37
CA GLY A 19 8.35 -6.81 -1.45
C GLY A 19 9.66 -6.12 -1.80
N THR A 20 9.72 -4.83 -1.48
CA THR A 20 10.91 -4.03 -1.78
C THR A 20 11.98 -4.37 -0.75
N PHE A 21 12.95 -5.18 -1.17
CA PHE A 21 14.04 -5.67 -0.33
C PHE A 21 13.52 -6.52 0.83
N THR A 22 12.40 -7.20 0.61
CA THR A 22 11.80 -8.03 1.64
C THR A 22 11.31 -9.34 1.01
N LYS A 23 11.21 -10.36 1.86
CA LYS A 23 10.60 -11.61 1.50
C LYS A 23 9.40 -11.83 2.42
N ILE A 24 8.29 -12.33 1.86
CA ILE A 24 7.02 -12.42 2.57
C ILE A 24 6.70 -13.88 2.83
N PHE A 25 6.30 -14.21 4.07
CA PHE A 25 5.89 -15.55 4.44
C PHE A 25 4.61 -15.52 5.25
N LYS A 26 3.76 -16.52 5.03
CA LYS A 26 2.71 -16.83 5.99
C LYS A 26 3.36 -17.55 7.15
N GLY A 27 2.89 -17.27 8.37
CA GLY A 27 3.44 -17.94 9.52
C GLY A 27 2.42 -18.11 10.63
N VAL A 28 2.89 -18.67 11.75
CA VAL A 28 2.08 -18.83 12.94
C VAL A 28 2.84 -18.25 14.12
N ARG A 29 2.14 -17.53 14.98
CA ARG A 29 2.74 -17.03 16.21
C ARG A 29 2.04 -17.70 17.37
N ARG A 30 2.82 -18.37 18.23
CA ARG A 30 2.31 -18.84 19.50
C ARG A 30 2.33 -17.70 20.50
N GLU A 31 1.20 -17.44 21.14
CA GLU A 31 1.12 -16.31 22.05
C GLU A 31 0.15 -16.61 23.18
N VAL A 32 0.36 -15.93 24.30
CA VAL A 32 -0.64 -15.86 25.35
C VAL A 32 -1.53 -14.67 25.03
N GLY A 33 -2.82 -14.92 24.85
CA GLY A 33 -3.79 -13.89 24.54
C GLY A 33 -4.57 -13.41 25.75
N ASP A 34 -5.72 -12.80 25.46
CA ASP A 34 -6.61 -12.33 26.51
C ASP A 34 -7.01 -13.47 27.44
N TYR A 35 -7.16 -13.13 28.71
CA TYR A 35 -7.55 -14.05 29.76
C TYR A 35 -6.51 -15.15 29.98
N GLY A 36 -5.30 -14.95 29.48
CA GLY A 36 -4.26 -15.95 29.61
C GLY A 36 -4.41 -17.15 28.70
N GLN A 37 -5.30 -17.08 27.70
CA GLN A 37 -5.53 -18.21 26.83
C GLN A 37 -4.41 -18.31 25.79
N LEU A 38 -3.94 -19.52 25.56
CA LEU A 38 -2.90 -19.75 24.56
C LEU A 38 -3.52 -19.78 23.17
N HIS A 39 -2.88 -19.10 22.24
CA HIS A 39 -3.36 -19.00 20.86
C HIS A 39 -2.21 -19.35 19.92
N GLU A 40 -2.56 -19.91 18.77
CA GLU A 40 -1.65 -20.01 17.62
C GLU A 40 -2.28 -19.20 16.51
N THR A 41 -1.67 -18.05 16.20
CA THR A 41 -2.28 -17.00 15.39
C THR A 41 -1.60 -16.95 14.04
N GLU A 42 -2.40 -16.97 12.97
CA GLU A 42 -1.83 -16.74 11.64
C GLU A 42 -1.24 -15.33 11.57
N VAL A 43 -0.04 -15.21 11.02
CA VAL A 43 0.62 -13.92 10.89
C VAL A 43 1.25 -13.81 9.52
N LEU A 44 1.47 -12.58 9.10
CA LEU A 44 2.24 -12.26 7.92
C LEU A 44 3.64 -11.87 8.38
N LEU A 45 4.66 -12.55 7.86
CA LEU A 45 6.03 -12.26 8.25
C LEU A 45 6.74 -11.56 7.09
N LYS A 46 7.20 -10.33 7.34
CA LYS A 46 7.94 -9.55 6.34
C LYS A 46 9.40 -9.55 6.77
N VAL A 47 10.25 -10.19 5.98
CA VAL A 47 11.64 -10.45 6.33
C VAL A 47 12.54 -9.54 5.52
N LEU A 48 13.25 -8.63 6.19
CA LEU A 48 14.19 -7.77 5.50
C LEU A 48 15.37 -8.60 5.02
N ASP A 49 15.63 -8.57 3.71
CA ASP A 49 16.74 -9.34 3.14
C ASP A 49 18.02 -9.08 3.93
N LYS A 50 18.74 -10.16 4.26
CA LYS A 50 20.00 -10.03 4.98
C LYS A 50 20.99 -9.21 4.17
N ALA A 51 20.99 -9.38 2.84
CA ALA A 51 21.88 -8.64 1.96
C ALA A 51 21.51 -7.18 1.80
N HIS A 52 20.52 -6.68 2.55
CA HIS A 52 20.13 -5.28 2.51
C HIS A 52 19.90 -4.77 3.92
N ARG A 53 20.72 -5.24 4.87
CA ARG A 53 20.55 -4.88 6.28
C ARG A 53 20.65 -3.38 6.53
N ASN A 54 21.19 -2.62 5.58
CA ASN A 54 21.32 -1.18 5.78
C ASN A 54 19.95 -0.48 5.75
N TYR A 55 18.97 -1.06 5.04
CA TYR A 55 17.63 -0.47 4.95
C TYR A 55 16.75 -0.80 6.14
N SER A 56 17.29 -1.48 7.16
CA SER A 56 16.46 -1.95 8.27
C SER A 56 15.79 -0.79 8.98
N GLU A 57 16.55 0.27 9.27
CA GLU A 57 16.00 1.39 10.02
C GLU A 57 14.82 2.00 9.31
N SER A 58 14.92 2.19 7.98
CA SER A 58 13.85 2.85 7.25
C SER A 58 12.55 2.04 7.30
N PHE A 59 12.65 0.75 7.00
CA PHE A 59 11.45 -0.08 6.97
C PHE A 59 10.74 -0.11 8.31
N PHE A 60 11.48 -0.41 9.38
CA PHE A 60 10.81 -0.55 10.67
C PHE A 60 10.36 0.78 11.25
N GLU A 61 11.10 1.86 10.99
CA GLU A 61 10.67 3.17 11.51
C GLU A 61 9.34 3.59 10.88
N ALA A 62 9.17 3.28 9.59
CA ALA A 62 7.93 3.66 8.91
C ALA A 62 6.76 2.82 9.40
N ALA A 63 6.95 1.49 9.48
CA ALA A 63 5.94 0.65 10.10
C ALA A 63 5.61 1.14 11.50
N SER A 64 6.63 1.52 12.26
CA SER A 64 6.42 2.00 13.62
C SER A 64 5.57 3.26 13.64
N MET A 65 5.93 4.25 12.83
CA MET A 65 5.25 5.54 12.89
C MET A 65 3.77 5.41 12.57
N MET A 66 3.43 4.55 11.60
CA MET A 66 2.03 4.34 11.28
C MET A 66 1.33 3.53 12.36
N SER A 67 2.01 2.53 12.92
CA SER A 67 1.43 1.73 13.99
C SER A 67 1.09 2.57 15.23
N LYS A 68 1.75 3.72 15.41
CA LYS A 68 1.36 4.62 16.49
C LYS A 68 0.00 5.26 16.25
N LEU A 69 -0.58 5.11 15.06
CA LEU A 69 -1.92 5.61 14.74
C LEU A 69 -2.84 4.43 14.46
N SER A 70 -3.57 3.98 15.48
CA SER A 70 -4.55 2.91 15.30
C SER A 70 -5.73 3.42 14.46
N HIS A 71 -6.14 2.64 13.46
CA HIS A 71 -7.27 3.00 12.62
C HIS A 71 -7.79 1.74 11.94
N LYS A 72 -9.10 1.70 11.71
CA LYS A 72 -9.72 0.49 11.16
C LYS A 72 -9.23 0.15 9.76
N HIS A 73 -8.73 1.12 9.00
CA HIS A 73 -8.24 0.90 7.65
C HIS A 73 -6.72 0.84 7.56
N LEU A 74 -6.03 0.72 8.68
CA LEU A 74 -4.56 0.60 8.71
C LEU A 74 -4.18 -0.77 9.27
N VAL A 75 -3.26 -1.45 8.57
CA VAL A 75 -2.87 -2.80 8.97
C VAL A 75 -2.31 -2.80 10.38
N LEU A 76 -2.59 -3.87 11.12
CA LEU A 76 -2.11 -4.03 12.47
C LEU A 76 -0.76 -4.75 12.47
N ASN A 77 0.21 -4.16 13.16
CA ASN A 77 1.49 -4.80 13.38
C ASN A 77 1.51 -5.36 14.79
N TYR A 78 1.89 -6.64 14.91
CA TYR A 78 1.97 -7.28 16.22
C TYR A 78 3.27 -6.99 16.93
N GLY A 79 4.34 -6.80 16.17
CA GLY A 79 5.64 -6.58 16.77
C GLY A 79 6.73 -6.97 15.79
N VAL A 80 7.92 -7.15 16.33
CA VAL A 80 9.07 -7.45 15.51
C VAL A 80 9.82 -8.64 16.09
N CYS A 81 10.44 -9.41 15.22
CA CYS A 81 11.37 -10.45 15.63
C CYS A 81 12.76 -10.04 15.14
N VAL A 82 13.65 -9.75 16.10
CA VAL A 82 15.03 -9.40 15.81
C VAL A 82 15.99 -10.49 16.25
N CYS A 83 15.47 -11.69 16.54
CA CYS A 83 16.33 -12.82 16.89
C CYS A 83 17.14 -13.26 15.67
N GLY A 84 18.40 -13.59 15.90
CA GLY A 84 19.24 -14.07 14.83
C GLY A 84 19.75 -12.93 13.95
N ASP A 85 19.91 -13.23 12.67
CA ASP A 85 20.44 -12.29 11.71
C ASP A 85 19.36 -11.67 10.83
N GLU A 86 18.09 -12.00 11.06
CA GLU A 86 17.00 -11.47 10.26
C GLU A 86 16.22 -10.44 11.07
N ASN A 87 15.70 -9.44 10.37
CA ASN A 87 14.78 -8.46 10.93
C ASN A 87 13.40 -8.74 10.35
N ILE A 88 12.42 -9.00 11.22
CA ILE A 88 11.12 -9.47 10.79
C ILE A 88 10.04 -8.59 11.40
N LEU A 89 9.17 -8.08 10.53
CA LEU A 89 7.92 -7.45 10.96
C LEU A 89 6.86 -8.53 11.04
N VAL A 90 6.21 -8.63 12.19
CA VAL A 90 5.14 -9.61 12.40
C VAL A 90 3.82 -8.86 12.34
N GLN A 91 3.05 -9.15 11.30
CA GLN A 91 1.89 -8.37 10.93
C GLN A 91 0.64 -9.24 10.90
N GLU A 92 -0.53 -8.62 11.00
CA GLU A 92 -1.76 -9.38 10.88
C GLU A 92 -1.83 -10.04 9.51
N PHE A 93 -2.38 -11.23 9.47
CA PHE A 93 -2.52 -11.94 8.22
C PHE A 93 -3.89 -11.61 7.66
N VAL A 94 -3.91 -10.94 6.51
CA VAL A 94 -5.14 -10.53 5.87
C VAL A 94 -5.53 -11.65 4.91
N LYS A 95 -6.77 -12.13 5.02
CA LYS A 95 -7.11 -13.40 4.41
C LYS A 95 -6.96 -13.37 2.89
N PHE A 96 -7.32 -12.26 2.26
CA PHE A 96 -7.41 -12.25 0.80
C PHE A 96 -6.24 -11.56 0.12
N GLY A 97 -5.24 -11.14 0.87
CA GLY A 97 -4.03 -10.66 0.26
C GLY A 97 -4.14 -9.28 -0.36
N SER A 98 -3.24 -9.03 -1.29
CA SER A 98 -3.08 -7.71 -1.90
C SER A 98 -4.10 -7.48 -2.99
N LEU A 99 -4.48 -6.21 -3.18
CA LEU A 99 -5.54 -5.91 -4.13
C LEU A 99 -5.08 -6.05 -5.57
N ASP A 100 -3.80 -5.80 -5.86
CA ASP A 100 -3.34 -5.90 -7.24
C ASP A 100 -3.55 -7.30 -7.79
N THR A 101 -3.26 -8.34 -7.00
CA THR A 101 -3.54 -9.68 -7.49
C THR A 101 -5.02 -10.02 -7.41
N TYR A 102 -5.74 -9.48 -6.43
CA TYR A 102 -7.17 -9.73 -6.35
C TYR A 102 -7.92 -9.15 -7.54
N LEU A 103 -7.51 -7.96 -7.99
CA LEU A 103 -8.16 -7.31 -9.12
C LEU A 103 -7.97 -8.12 -10.39
N LYS A 104 -6.78 -8.67 -10.57
CA LYS A 104 -6.51 -9.48 -11.76
C LYS A 104 -7.32 -10.77 -11.74
N LYS A 105 -7.35 -11.46 -10.59
CA LYS A 105 -8.02 -12.75 -10.52
C LYS A 105 -9.54 -12.61 -10.54
N ASN A 106 -10.07 -11.44 -10.25
CA ASN A 106 -11.51 -11.26 -10.16
C ASN A 106 -12.00 -10.13 -11.05
N LYS A 107 -11.29 -9.88 -12.16
CA LYS A 107 -11.62 -8.75 -13.03
C LYS A 107 -13.08 -8.80 -13.48
N ASN A 108 -13.56 -9.96 -13.90
CA ASN A 108 -14.92 -10.06 -14.41
C ASN A 108 -15.96 -9.75 -13.34
N CYS A 109 -15.67 -10.06 -12.07
CA CYS A 109 -16.68 -9.95 -11.03
C CYS A 109 -16.79 -8.55 -10.41
N ILE A 110 -15.80 -7.70 -10.62
CA ILE A 110 -15.69 -6.43 -9.89
C ILE A 110 -16.35 -5.32 -10.71
N ASN A 111 -17.36 -4.66 -10.13
CA ASN A 111 -18.10 -3.59 -10.80
C ASN A 111 -17.75 -2.23 -10.18
N ILE A 112 -18.35 -1.18 -10.74
CA ILE A 112 -17.99 0.18 -10.34
C ILE A 112 -18.36 0.44 -8.88
N LEU A 113 -19.43 -0.18 -8.38
CA LEU A 113 -19.80 0.00 -6.98
C LEU A 113 -18.74 -0.53 -6.05
N TRP A 114 -18.21 -1.73 -6.35
CA TRP A 114 -17.08 -2.28 -5.58
C TRP A 114 -15.88 -1.34 -5.63
N LYS A 115 -15.54 -0.86 -6.83
CA LYS A 115 -14.40 0.05 -6.95
C LYS A 115 -14.61 1.33 -6.17
N LEU A 116 -15.83 1.90 -6.22
CA LEU A 116 -16.09 3.14 -5.49
C LEU A 116 -15.98 2.93 -4.00
N GLU A 117 -16.44 1.77 -3.50
CA GLU A 117 -16.37 1.49 -2.07
C GLU A 117 -14.93 1.36 -1.61
N VAL A 118 -14.13 0.59 -2.35
CA VAL A 118 -12.71 0.47 -2.04
C VAL A 118 -12.01 1.82 -2.16
N ALA A 119 -12.36 2.60 -3.20
CA ALA A 119 -11.77 3.93 -3.33
C ALA A 119 -12.10 4.79 -2.13
N LYS A 120 -13.36 4.75 -1.67
CA LYS A 120 -13.80 5.52 -0.52
C LYS A 120 -13.06 5.11 0.75
N GLN A 121 -12.87 3.80 0.93
CA GLN A 121 -12.16 3.34 2.10
C GLN A 121 -10.70 3.74 2.05
N LEU A 122 -10.05 3.59 0.88
CA LEU A 122 -8.68 4.05 0.78
C LEU A 122 -8.57 5.55 1.04
N ALA A 123 -9.51 6.35 0.51
CA ALA A 123 -9.48 7.78 0.76
C ALA A 123 -9.71 8.09 2.23
N ALA A 124 -10.52 7.28 2.92
CA ALA A 124 -10.74 7.50 4.34
C ALA A 124 -9.45 7.28 5.12
N ALA A 125 -8.75 6.19 4.81
CA ALA A 125 -7.45 5.94 5.43
C ALA A 125 -6.49 7.10 5.17
N MET A 126 -6.44 7.59 3.93
CA MET A 126 -5.50 8.65 3.57
C MET A 126 -5.90 9.98 4.19
N HIS A 127 -7.20 10.22 4.34
CA HIS A 127 -7.66 11.41 5.04
C HIS A 127 -7.21 11.38 6.50
N PHE A 128 -7.33 10.22 7.14
CA PHE A 128 -6.82 10.03 8.49
C PHE A 128 -5.32 10.32 8.54
N LEU A 129 -4.56 9.78 7.59
CA LEU A 129 -3.13 10.06 7.59
C LEU A 129 -2.85 11.53 7.35
N GLU A 130 -3.60 12.16 6.44
CA GLU A 130 -3.38 13.57 6.14
C GLU A 130 -3.68 14.44 7.35
N GLU A 131 -4.78 14.15 8.05
CA GLU A 131 -5.10 14.90 9.26
C GLU A 131 -4.01 14.75 10.31
N ASN A 132 -3.34 13.60 10.35
CA ASN A 132 -2.23 13.36 11.27
C ASN A 132 -0.88 13.74 10.68
N THR A 133 -0.87 14.39 9.52
CA THR A 133 0.35 14.79 8.81
C THR A 133 1.37 13.65 8.75
N LEU A 134 0.91 12.44 8.45
CA LEU A 134 1.80 11.31 8.27
C LEU A 134 1.82 10.90 6.79
N ILE A 135 3.00 10.92 6.20
CA ILE A 135 3.17 10.53 4.81
C ILE A 135 3.35 9.02 4.72
N HIS A 136 2.56 8.38 3.87
CA HIS A 136 2.75 6.95 3.65
C HIS A 136 3.91 6.72 2.69
N GLY A 137 3.83 7.29 1.48
CA GLY A 137 4.93 7.29 0.56
C GLY A 137 4.96 6.11 -0.40
N ASN A 138 4.10 5.12 -0.24
CA ASN A 138 4.03 4.05 -1.23
C ASN A 138 2.58 3.52 -1.33
N VAL A 139 1.65 4.41 -1.67
CA VAL A 139 0.28 4.00 -1.90
C VAL A 139 0.21 3.33 -3.26
N CYS A 140 -0.25 2.09 -3.28
CA CYS A 140 -0.37 1.31 -4.51
C CYS A 140 -1.26 0.13 -4.20
N ALA A 141 -1.79 -0.48 -5.25
CA ALA A 141 -2.74 -1.56 -5.04
C ALA A 141 -2.10 -2.77 -4.34
N LYS A 142 -0.79 -2.98 -4.53
CA LYS A 142 -0.12 -4.06 -3.80
C LYS A 142 -0.16 -3.83 -2.30
N ASN A 143 -0.20 -2.56 -1.87
CA ASN A 143 -0.23 -2.19 -0.47
C ASN A 143 -1.66 -2.00 0.04
N ILE A 144 -2.67 -2.40 -0.73
CA ILE A 144 -4.04 -2.46 -0.24
C ILE A 144 -4.37 -3.93 0.02
N LEU A 145 -4.77 -4.22 1.26
CA LEU A 145 -5.02 -5.59 1.69
C LEU A 145 -6.52 -5.78 1.86
N LEU A 146 -7.04 -6.88 1.33
CA LEU A 146 -8.48 -7.17 1.33
C LEU A 146 -8.80 -8.05 2.53
N ILE A 147 -9.39 -7.42 3.55
CA ILE A 147 -9.79 -8.10 4.79
C ILE A 147 -10.99 -9.00 4.54
N ARG A 148 -11.95 -8.51 3.75
CA ARG A 148 -13.25 -9.15 3.61
C ARG A 148 -13.74 -8.91 2.20
N GLU A 149 -14.22 -9.98 1.56
CA GLU A 149 -14.79 -9.76 0.24
C GLU A 149 -16.18 -9.17 0.37
N GLU A 150 -16.63 -8.52 -0.71
CA GLU A 150 -18.01 -8.10 -0.80
C GLU A 150 -18.92 -9.33 -0.73
N ASP A 151 -20.06 -9.17 -0.04
CA ASP A 151 -21.07 -10.22 0.06
C ASP A 151 -22.40 -9.58 -0.27
N ARG A 152 -22.80 -9.64 -1.54
CA ARG A 152 -24.09 -9.08 -1.94
C ARG A 152 -25.26 -9.79 -1.29
N LYS A 153 -25.06 -11.03 -0.81
CA LYS A 153 -26.15 -11.74 -0.13
C LYS A 153 -26.53 -11.03 1.17
N THR A 154 -25.55 -10.47 1.88
CA THR A 154 -25.81 -9.71 3.10
C THR A 154 -25.57 -8.22 2.90
N GLY A 155 -25.36 -7.77 1.68
CA GLY A 155 -25.11 -6.36 1.41
C GLY A 155 -23.81 -5.85 2.01
N ASN A 156 -22.96 -6.77 2.48
CA ASN A 156 -21.69 -6.40 3.08
C ASN A 156 -20.73 -5.90 2.02
N PRO A 157 -20.19 -4.69 2.15
CA PRO A 157 -19.18 -4.24 1.18
C PRO A 157 -17.86 -4.94 1.44
N PRO A 158 -16.93 -4.90 0.49
CA PRO A 158 -15.57 -5.33 0.83
C PRO A 158 -15.00 -4.38 1.87
N PHE A 159 -13.94 -4.83 2.53
CA PHE A 159 -13.26 -4.03 3.54
C PHE A 159 -11.76 -4.16 3.30
N ILE A 160 -11.07 -3.02 3.26
CA ILE A 160 -9.64 -3.03 2.96
C ILE A 160 -8.87 -2.37 4.09
N LYS A 161 -7.57 -2.67 4.14
CA LYS A 161 -6.62 -1.93 4.94
C LYS A 161 -5.42 -1.56 4.09
N LEU A 162 -4.77 -0.47 4.51
CA LEU A 162 -3.55 -0.01 3.90
C LEU A 162 -2.36 -0.63 4.63
N SER A 163 -1.46 -1.26 3.88
CA SER A 163 -0.30 -1.92 4.44
C SER A 163 0.74 -0.88 4.87
N ASP A 164 1.81 -1.36 5.50
CA ASP A 164 2.83 -0.48 6.04
C ASP A 164 3.61 0.20 4.92
N PRO A 165 4.20 1.37 5.22
CA PRO A 165 4.84 2.15 4.14
C PRO A 165 5.98 1.43 3.44
N GLY A 166 6.71 0.57 4.14
CA GLY A 166 7.92 0.01 3.54
C GLY A 166 9.08 0.98 3.58
N ILE A 167 10.19 0.57 2.96
CA ILE A 167 11.37 1.41 2.91
C ILE A 167 11.04 2.71 2.17
N SER A 168 11.49 3.82 2.74
CA SER A 168 11.17 5.13 2.20
C SER A 168 11.81 5.34 0.83
N ILE A 169 11.08 5.99 -0.08
CA ILE A 169 11.68 6.39 -1.35
C ILE A 169 12.80 7.40 -1.14
N THR A 170 12.92 7.96 0.06
CA THR A 170 14.01 8.87 0.37
C THR A 170 15.33 8.15 0.57
N VAL A 171 15.32 6.82 0.71
CA VAL A 171 16.55 6.05 0.83
C VAL A 171 16.67 4.96 -0.23
N LEU A 172 15.63 4.75 -1.05
CA LEU A 172 15.68 3.70 -2.05
C LEU A 172 16.59 4.10 -3.22
N PRO A 173 17.22 3.12 -3.88
CA PRO A 173 18.05 3.42 -5.04
C PRO A 173 17.24 4.09 -6.14
N LYS A 174 17.93 4.92 -6.94
CA LYS A 174 17.26 5.65 -8.01
C LYS A 174 16.59 4.72 -9.02
N ASP A 175 17.18 3.55 -9.28
CA ASP A 175 16.59 2.67 -10.29
C ASP A 175 15.29 2.03 -9.80
N ILE A 176 15.15 1.82 -8.50
CA ILE A 176 13.88 1.31 -7.98
C ILE A 176 12.83 2.40 -8.04
N LEU A 177 13.21 3.63 -7.71
CA LEU A 177 12.29 4.77 -7.83
C LEU A 177 11.78 4.92 -9.26
N GLN A 178 12.67 4.77 -10.24
CA GLN A 178 12.23 4.94 -11.63
C GLN A 178 11.30 3.81 -12.04
N GLU A 179 11.57 2.59 -11.59
CA GLU A 179 10.66 1.48 -11.88
C GLU A 179 9.31 1.66 -11.21
N ARG A 180 9.25 2.50 -10.17
CA ARG A 180 8.00 2.77 -9.48
C ARG A 180 7.25 3.95 -10.07
N ILE A 181 7.74 4.53 -11.15
CA ILE A 181 6.90 5.42 -11.94
C ILE A 181 5.77 4.59 -12.54
N PRO A 182 4.50 5.05 -12.51
CA PRO A 182 4.01 6.36 -12.10
C PRO A 182 3.35 6.43 -10.72
N TRP A 183 3.75 5.55 -9.80
CA TRP A 183 3.31 5.73 -8.42
C TRP A 183 4.13 6.78 -7.70
N VAL A 184 5.44 6.79 -7.91
CA VAL A 184 6.30 7.85 -7.38
C VAL A 184 6.04 9.14 -8.15
N PRO A 185 5.70 10.24 -7.50
CA PRO A 185 5.32 11.43 -8.24
C PRO A 185 6.50 12.10 -8.90
N PRO A 186 6.26 12.92 -9.93
CA PRO A 186 7.37 13.54 -10.67
C PRO A 186 8.33 14.32 -9.79
N GLU A 187 7.83 15.05 -8.80
CA GLU A 187 8.73 15.85 -7.97
C GLU A 187 9.68 14.97 -7.16
N CYS A 188 9.27 13.74 -6.84
CA CYS A 188 10.14 12.84 -6.08
C CYS A 188 11.16 12.14 -6.98
N ILE A 189 10.83 11.95 -8.26
CA ILE A 189 11.86 11.55 -9.22
C ILE A 189 12.90 12.64 -9.36
N GLU A 190 12.46 13.90 -9.46
CA GLU A 190 13.40 15.02 -9.53
C GLU A 190 14.25 15.10 -8.27
N ASN A 191 13.64 14.86 -7.11
CA ASN A 191 14.32 14.92 -5.83
C ASN A 191 13.56 14.10 -4.79
N PRO A 192 14.05 12.90 -4.42
CA PRO A 192 13.29 12.09 -3.45
C PRO A 192 13.01 12.80 -2.13
N LYS A 193 13.78 13.83 -1.79
CA LYS A 193 13.52 14.60 -0.58
C LYS A 193 12.32 15.54 -0.73
N ASN A 194 11.71 15.60 -1.92
CA ASN A 194 10.45 16.32 -2.12
C ASN A 194 9.25 15.55 -1.57
N LEU A 195 9.50 14.40 -0.94
CA LEU A 195 8.43 13.63 -0.30
C LEU A 195 7.64 14.52 0.65
N ASN A 196 6.31 14.47 0.51
CA ASN A 196 5.41 15.44 1.11
C ASN A 196 4.05 14.78 1.16
N LEU A 197 3.14 15.34 1.97
CA LEU A 197 1.76 14.84 1.94
C LEU A 197 1.24 14.80 0.50
N ALA A 198 1.63 15.78 -0.33
CA ALA A 198 1.15 15.80 -1.71
C ALA A 198 1.59 14.58 -2.50
N THR A 199 2.69 13.93 -2.10
CA THR A 199 3.11 12.67 -2.71
C THR A 199 1.98 11.66 -2.71
N ASP A 200 1.30 11.50 -1.56
CA ASP A 200 0.31 10.44 -1.46
C ASP A 200 -0.92 10.73 -2.28
N LYS A 201 -1.20 12.01 -2.57
CA LYS A 201 -2.34 12.30 -3.44
C LYS A 201 -2.07 11.84 -4.87
N TRP A 202 -0.85 12.05 -5.34
CA TRP A 202 -0.48 11.53 -6.66
C TRP A 202 -0.58 10.02 -6.70
N SER A 203 0.05 9.34 -5.74
CA SER A 203 0.05 7.87 -5.76
C SER A 203 -1.36 7.32 -5.60
N PHE A 204 -2.20 7.99 -4.81
CA PHE A 204 -3.59 7.62 -4.72
C PHE A 204 -4.26 7.61 -6.08
N GLY A 205 -3.98 8.62 -6.91
CA GLY A 205 -4.50 8.62 -8.27
C GLY A 205 -4.05 7.41 -9.04
N THR A 206 -2.74 7.10 -8.99
CA THR A 206 -2.23 5.91 -9.67
C THR A 206 -2.92 4.66 -9.15
N THR A 207 -3.17 4.61 -7.85
CA THR A 207 -3.80 3.44 -7.25
C THR A 207 -5.24 3.31 -7.71
N LEU A 208 -5.97 4.43 -7.79
CA LEU A 208 -7.32 4.38 -8.39
C LEU A 208 -7.26 3.86 -9.82
N TRP A 209 -6.25 4.26 -10.58
CA TRP A 209 -6.11 3.74 -11.93
C TRP A 209 -5.94 2.23 -11.90
N GLU A 210 -5.14 1.73 -10.97
CA GLU A 210 -5.01 0.27 -10.82
C GLU A 210 -6.36 -0.36 -10.52
N ILE A 211 -7.06 0.19 -9.52
CA ILE A 211 -8.35 -0.33 -9.10
C ILE A 211 -9.32 -0.40 -10.29
N CYS A 212 -9.25 0.59 -11.18
CA CYS A 212 -10.14 0.64 -12.33
C CYS A 212 -9.63 -0.16 -13.53
N SER A 213 -8.44 -0.74 -13.46
CA SER A 213 -7.82 -1.37 -14.62
C SER A 213 -7.59 -2.87 -14.42
N GLY A 214 -8.39 -3.51 -13.58
CA GLY A 214 -8.35 -4.95 -13.44
C GLY A 214 -7.01 -5.51 -13.03
N GLY A 215 -6.20 -4.72 -12.32
CA GLY A 215 -4.89 -5.18 -11.92
C GLY A 215 -3.78 -4.92 -12.91
N ASP A 216 -4.08 -4.30 -14.06
CA ASP A 216 -3.02 -3.83 -14.94
C ASP A 216 -2.13 -2.84 -14.22
N LYS A 217 -0.87 -2.79 -14.62
CA LYS A 217 0.08 -1.86 -14.05
C LYS A 217 0.27 -0.73 -15.04
N PRO A 218 0.00 0.51 -14.66
CA PRO A 218 0.14 1.61 -15.62
C PRO A 218 1.57 1.75 -16.08
N LEU A 219 1.76 1.93 -17.39
CA LEU A 219 3.04 2.15 -18.03
C LEU A 219 3.97 0.94 -17.92
N SER A 220 3.42 -0.24 -17.67
CA SER A 220 4.26 -1.43 -17.54
C SER A 220 5.02 -1.71 -18.84
N ALA A 221 4.46 -1.30 -19.97
CA ALA A 221 5.16 -1.51 -21.25
C ALA A 221 6.35 -0.60 -21.43
N LEU A 222 6.48 0.45 -20.61
CA LEU A 222 7.61 1.38 -20.70
C LEU A 222 8.75 0.94 -19.80
N ASP A 223 9.95 0.87 -20.37
CA ASP A 223 11.14 0.66 -19.54
C ASP A 223 11.44 1.93 -18.75
N SER A 224 12.42 1.84 -17.84
CA SER A 224 12.66 2.93 -16.90
C SER A 224 13.01 4.23 -17.62
N GLN A 225 13.77 4.16 -18.71
CA GLN A 225 14.09 5.37 -19.46
C GLN A 225 12.84 6.02 -20.02
N ARG A 226 11.92 5.21 -20.56
CA ARG A 226 10.70 5.78 -21.13
C ARG A 226 9.75 6.27 -20.05
N LYS A 227 9.76 5.63 -18.88
CA LYS A 227 8.96 6.17 -17.78
C LYS A 227 9.47 7.54 -17.35
N LEU A 228 10.80 7.74 -17.35
CA LEU A 228 11.37 9.05 -17.05
C LEU A 228 10.92 10.09 -18.06
N GLN A 229 10.97 9.74 -19.35
CA GLN A 229 10.55 10.67 -20.40
C GLN A 229 9.06 10.93 -20.35
N PHE A 230 8.28 9.95 -19.88
CA PHE A 230 6.85 10.15 -19.69
C PHE A 230 6.58 11.35 -18.78
N TYR A 231 7.33 11.43 -17.68
CA TYR A 231 7.21 12.57 -16.77
C TYR A 231 7.79 13.84 -17.40
N GLU A 232 8.90 13.70 -18.13
CA GLU A 232 9.51 14.86 -18.76
C GLU A 232 8.55 15.51 -19.75
N ASP A 233 7.76 14.71 -20.47
CA ASP A 233 6.79 15.23 -21.41
C ASP A 233 5.45 15.52 -20.78
N ARG A 234 5.31 15.34 -19.46
CA ARG A 234 4.13 15.75 -18.71
C ARG A 234 2.89 15.00 -19.18
N HIS A 235 3.05 13.73 -19.53
CA HIS A 235 1.90 12.94 -19.91
C HIS A 235 1.07 12.56 -18.68
N GLN A 236 -0.19 12.23 -18.93
CA GLN A 236 -1.09 11.65 -17.95
C GLN A 236 -1.39 10.21 -18.36
N LEU A 237 -1.88 9.43 -17.40
CA LEU A 237 -2.29 8.08 -17.71
C LEU A 237 -3.51 8.09 -18.63
N PRO A 238 -3.63 7.09 -19.50
CA PRO A 238 -4.87 6.91 -20.24
C PRO A 238 -6.02 6.62 -19.30
N ALA A 239 -7.20 7.11 -19.68
CA ALA A 239 -8.38 6.78 -18.90
C ALA A 239 -8.59 5.27 -18.94
N PRO A 240 -8.86 4.63 -17.80
CA PRO A 240 -9.24 3.21 -17.84
C PRO A 240 -10.50 3.02 -18.67
N LYS A 241 -10.63 1.83 -19.26
CA LYS A 241 -11.81 1.52 -20.07
C LYS A 241 -13.09 1.84 -19.29
N ALA A 242 -13.15 1.37 -18.04
CA ALA A 242 -14.15 1.84 -17.09
C ALA A 242 -13.67 3.18 -16.54
N ALA A 243 -14.16 4.27 -17.12
CA ALA A 243 -13.56 5.59 -16.96
C ALA A 243 -14.23 6.44 -15.89
N GLU A 244 -15.05 5.84 -15.02
CA GLU A 244 -15.86 6.64 -14.11
C GLU A 244 -15.01 7.47 -13.15
N LEU A 245 -13.80 7.01 -12.85
CA LEU A 245 -12.90 7.71 -11.94
C LEU A 245 -11.76 8.43 -12.66
N ALA A 246 -11.78 8.47 -14.00
CA ALA A 246 -10.64 9.00 -14.74
C ALA A 246 -10.38 10.47 -14.41
N ASN A 247 -11.44 11.28 -14.31
CA ASN A 247 -11.21 12.69 -13.97
C ASN A 247 -10.56 12.81 -12.60
N LEU A 248 -11.04 12.01 -11.62
CA LEU A 248 -10.45 12.06 -10.29
C LEU A 248 -8.99 11.59 -10.32
N ILE A 249 -8.71 10.52 -11.07
CA ILE A 249 -7.34 10.05 -11.23
C ILE A 249 -6.45 11.18 -11.74
N ASN A 250 -6.89 11.87 -12.80
CA ASN A 250 -6.06 12.89 -13.39
C ASN A 250 -5.94 14.12 -12.49
N ASN A 251 -7.02 14.45 -11.78
CA ASN A 251 -6.96 15.56 -10.81
C ASN A 251 -5.98 15.28 -9.70
N CYS A 252 -5.89 14.01 -9.26
CA CYS A 252 -4.94 13.65 -8.22
C CYS A 252 -3.51 13.64 -8.74
N MET A 253 -3.33 13.14 -9.97
CA MET A 253 -2.03 13.08 -10.61
C MET A 253 -1.74 14.41 -11.29
N ASP A 254 -1.73 15.46 -10.47
CA ASP A 254 -1.46 16.80 -10.97
C ASP A 254 0.04 17.03 -10.87
N TYR A 255 0.67 17.41 -11.99
CA TYR A 255 2.10 17.67 -11.94
C TYR A 255 2.48 18.80 -10.98
N GLU A 256 1.54 19.70 -10.63
CA GLU A 256 1.79 20.69 -9.59
C GLU A 256 1.37 20.12 -8.25
N PRO A 257 2.30 19.79 -7.36
CA PRO A 257 1.93 19.17 -6.07
C PRO A 257 0.94 20.00 -5.25
N ASP A 258 1.07 21.34 -5.27
CA ASP A 258 0.18 22.17 -4.47
C ASP A 258 -1.25 22.18 -5.00
N HIS A 259 -1.47 21.78 -6.24
CA HIS A 259 -2.82 21.79 -6.77
C HIS A 259 -3.56 20.50 -6.53
N ARG A 260 -2.89 19.48 -5.98
CA ARG A 260 -3.57 18.23 -5.77
C ARG A 260 -4.61 18.38 -4.68
N PRO A 261 -5.78 17.81 -4.85
CA PRO A 261 -6.89 18.07 -3.91
C PRO A 261 -6.66 17.38 -2.58
N SER A 262 -7.19 17.99 -1.52
CA SER A 262 -7.15 17.37 -0.21
C SER A 262 -7.94 16.06 -0.24
N PHE A 263 -7.61 15.16 0.69
CA PHE A 263 -8.41 13.94 0.76
C PHE A 263 -9.85 14.24 1.17
N ARG A 264 -10.09 15.30 1.91
CA ARG A 264 -11.47 15.67 2.18
C ARG A 264 -12.21 15.97 0.88
N ALA A 265 -11.56 16.73 -0.01
CA ALA A 265 -12.16 17.04 -1.30
C ALA A 265 -12.28 15.80 -2.17
N ILE A 266 -11.26 14.93 -2.13
CA ILE A 266 -11.36 13.67 -2.86
C ILE A 266 -12.55 12.85 -2.38
N ILE A 267 -12.76 12.80 -1.07
CA ILE A 267 -13.89 12.04 -0.53
C ILE A 267 -15.21 12.64 -0.98
N ARG A 268 -15.33 13.97 -0.92
CA ARG A 268 -16.53 14.63 -1.44
C ARG A 268 -16.77 14.28 -2.90
N ASP A 269 -15.71 14.27 -3.71
CA ASP A 269 -15.87 13.91 -5.11
C ASP A 269 -16.33 12.46 -5.27
N LEU A 270 -15.73 11.53 -4.54
CA LEU A 270 -16.17 10.14 -4.62
C LEU A 270 -17.64 10.00 -4.23
N ASN A 271 -18.05 10.69 -3.16
CA ASN A 271 -19.43 10.65 -2.70
C ASN A 271 -20.41 11.21 -3.73
N SER A 272 -19.92 11.94 -4.73
CA SER A 272 -20.80 12.55 -5.72
C SER A 272 -21.07 11.64 -6.91
N LEU A 273 -20.43 10.48 -7.01
CA LEU A 273 -20.63 9.59 -8.14
C LEU A 273 -21.86 8.69 -7.95
C1 GOL B . 3.54 -0.84 -7.25
O1 GOL B . 3.49 -2.15 -7.79
C2 GOL B . 4.95 -0.27 -7.39
O2 GOL B . 5.85 -1.02 -6.61
C3 GOL B . 4.96 1.19 -6.91
O3 GOL B . 5.03 1.21 -5.51
O3 M4G C . 5.18 -5.39 -0.38
C4 M4G C . -3.03 -14.34 0.63
C5 M4G C . -2.04 -14.10 -0.30
O4 M4G C . 6.75 -3.17 -2.33
C6 M4G C . -1.06 -13.15 -0.11
N1 M4G C . -1.63 -10.30 4.83
C7 M4G C . -1.06 -12.41 1.05
C8 M4G C . 0.74 -8.17 3.22
N2 M4G C . -2.11 -11.90 3.21
C9 M4G C . 2.13 -7.55 1.34
O5 M4G C . 7.21 -3.61 -0.19
C10 M4G C . 1.88 -6.21 1.05
C11 M4G C . 2.88 -5.45 0.46
C12 M4G C . 4.12 -6.02 0.19
N3 M4G C . -0.50 -14.80 -2.39
C13 M4G C . 5.04 -4.06 -0.89
C14 M4G C . 6.42 -3.56 -1.23
C15 M4G C . 4.37 -7.34 0.50
N4 M4G C . -0.58 -10.12 2.83
N M4G C . -0.66 -8.39 5.89
C M4G C . -0.83 -9.24 4.87
O M4G C . -2.90 -14.35 -2.70
C1 M4G C . -1.43 -10.78 3.58
C16 M4G C . 3.37 -8.10 1.09
C2 M4G C . -2.04 -12.64 2.00
C3 M4G C . -3.02 -13.60 1.79
N5 M4G C . -0.19 -9.12 3.67
N6 M4G C . 1.17 -8.36 1.94
O1 M4G C . -2.18 -16.39 -1.51
O2 M4G C . 1.09 -7.27 3.95
S M4G C . -1.98 -15.01 -1.82
#